data_3VIJ
#
_entry.id   3VIJ
#
_cell.length_a   92.948
_cell.length_b   68.403
_cell.length_c   75.052
_cell.angle_alpha   90.00
_cell.angle_beta   95.48
_cell.angle_gamma   90.00
#
_symmetry.space_group_name_H-M   'C 1 2 1'
#
loop_
_entity.id
_entity.type
_entity.pdbx_description
1 polymer Beta-glucosidase
2 non-polymer beta-D-glucopyranose
3 non-polymer GLYCEROL
4 non-polymer 'SODIUM ION'
5 non-polymer 'CHLORIDE ION'
6 water water
#
_entity_poly.entity_id   1
_entity_poly.type   'polypeptide(L)'
_entity_poly.pdbx_seq_one_letter_code
;MDVASSDTVYTFPDEFKLGAATASYQIEGAWDENGKGPNIWDTLTHEHPDYVVDGATGDIADDSYHLYKEDVKILKELGA
QVYRFSISWARVLPEGHDNIVNQDGIDYYNNLINELLANGIEPMVTMYHWDLPQALQDLGGWPNLVLAKYSENYARVLFK
NFGDRVKLWLTFNAPLTFMDGYASEIGMAPSINTPGIGDYLAAHTVIHAHARIYHLYDQEFRAEQGGKVGISLNINWCEP
ATNSAEDRASCENYQQFNLGLYAHPIFTEEGDYPAVLKDRVSRNSADEGYTDSRLPQFTAEEVEYIRGTHDFLGINFYTA
LLGKSGVEGYEPSRYRDSGVILTQDAAWPISASSWLKVVPWGFRKELNWIKNEYNNPPVFITENGFSDYGGLNDTGRVHY
YTEHLKEMLKAIHEDGVNVIGYTAWSLMDNFEWLRGYSEKFGIYAVDFEDPARPRIPKESAKVLAEIMNTRKIPERFRDL
EHHHHHH
;
_entity_poly.pdbx_strand_id   A
#
loop_
_chem_comp.id
_chem_comp.type
_chem_comp.name
_chem_comp.formula
BGC D-saccharide, beta linking beta-D-glucopyranose 'C6 H12 O6'
CL non-polymer 'CHLORIDE ION' 'Cl -1'
GOL non-polymer GLYCEROL 'C3 H8 O3'
NA non-polymer 'SODIUM ION' 'Na 1'
#
# COMPACT_ATOMS: atom_id res chain seq x y z
N THR A 8 -10.78 27.82 7.90
CA THR A 8 -10.99 26.52 8.56
C THR A 8 -10.77 25.34 7.61
N VAL A 9 -11.36 25.42 6.42
CA VAL A 9 -11.28 24.33 5.44
C VAL A 9 -9.86 24.11 4.93
N TYR A 10 -8.97 25.07 5.20
CA TYR A 10 -7.57 24.99 4.79
C TYR A 10 -6.60 24.64 5.92
N THR A 11 -7.11 24.37 7.12
CA THR A 11 -6.28 24.09 8.29
C THR A 11 -6.39 22.63 8.72
N PHE A 12 -5.25 22.02 9.04
CA PHE A 12 -5.25 20.66 9.54
C PHE A 12 -5.74 20.59 10.98
N PRO A 13 -6.56 19.58 11.30
CA PRO A 13 -6.91 19.40 12.72
C PRO A 13 -5.65 19.26 13.57
N ASP A 14 -5.72 19.72 14.81
CA ASP A 14 -4.57 19.77 15.69
C ASP A 14 -3.85 18.43 15.85
N GLU A 15 -4.62 17.34 15.96
CA GLU A 15 -4.01 16.03 16.20
C GLU A 15 -3.67 15.26 14.93
N PHE A 16 -3.95 15.83 13.77
CA PHE A 16 -3.72 15.17 12.49
C PHE A 16 -2.21 14.98 12.28
N LYS A 17 -1.78 13.79 11.83
CA LYS A 17 -0.36 13.51 11.68
C LYS A 17 0.07 13.57 10.22
N LEU A 18 1.09 14.37 9.92
CA LEU A 18 1.63 14.53 8.58
C LEU A 18 3.03 13.96 8.48
N GLY A 19 3.34 13.29 7.38
CA GLY A 19 4.68 12.79 7.18
C GLY A 19 4.93 12.28 5.78
N ALA A 20 5.80 11.28 5.68
CA ALA A 20 6.20 10.71 4.40
C ALA A 20 6.42 9.20 4.56
N ALA A 21 6.49 8.50 3.43
CA ALA A 21 6.48 7.05 3.40
C ALA A 21 7.51 6.47 2.43
N THR A 22 7.98 5.26 2.76
CA THR A 22 8.84 4.44 1.92
C THR A 22 8.47 2.96 2.13
N ALA A 23 9.17 2.09 1.42
CA ALA A 23 9.07 0.64 1.57
C ALA A 23 10.46 0.04 1.44
N SER A 24 10.67 -1.08 2.13
CA SER A 24 11.99 -1.67 2.28
C SER A 24 12.71 -1.99 0.98
N TYR A 25 12.10 -2.77 0.09
CA TYR A 25 12.81 -3.16 -1.12
C TYR A 25 13.06 -1.93 -1.98
N GLN A 26 12.16 -0.95 -1.91
CA GLN A 26 12.30 0.22 -2.75
C GLN A 26 13.47 1.11 -2.36
N ILE A 27 13.91 1.05 -1.11
CA ILE A 27 14.94 1.98 -0.60
C ILE A 27 16.19 1.36 -0.01
N GLU A 28 16.12 0.15 0.55
CA GLU A 28 17.18 -0.27 1.47
C GLU A 28 18.51 -0.65 0.84
N GLY A 29 18.45 -1.37 -0.28
CA GLY A 29 19.63 -2.04 -0.78
C GLY A 29 20.10 -3.12 0.17
N ALA A 30 21.42 -3.34 0.21
CA ALA A 30 22.01 -4.33 1.10
C ALA A 30 21.24 -5.66 1.03
N TRP A 31 20.95 -6.09 -0.19
CA TRP A 31 20.00 -7.18 -0.42
C TRP A 31 20.46 -8.55 0.09
N ASP A 32 21.78 -8.72 0.22
CA ASP A 32 22.33 -9.95 0.78
C ASP A 32 23.35 -9.68 1.88
N GLU A 33 23.26 -8.52 2.51
CA GLU A 33 24.25 -8.13 3.51
C GLU A 33 23.87 -8.65 4.88
N ASN A 34 24.90 -9.06 5.63
CA ASN A 34 24.78 -9.38 7.05
C ASN A 34 23.61 -10.30 7.34
N GLY A 35 23.53 -11.37 6.58
CA GLY A 35 22.59 -12.45 6.88
C GLY A 35 21.21 -12.34 6.26
N LYS A 36 20.89 -11.24 5.57
CA LYS A 36 19.57 -11.13 4.97
C LYS A 36 19.36 -12.24 3.94
N GLY A 37 18.20 -12.89 3.98
CA GLY A 37 17.87 -13.90 3.00
C GLY A 37 17.21 -13.33 1.76
N PRO A 38 17.10 -14.14 0.70
CA PRO A 38 16.54 -13.65 -0.54
C PRO A 38 15.02 -13.55 -0.49
N ASN A 39 14.49 -12.52 -1.14
CA ASN A 39 13.06 -12.39 -1.31
C ASN A 39 12.66 -12.44 -2.80
N ILE A 40 11.36 -12.40 -3.05
CA ILE A 40 10.85 -12.59 -4.40
C ILE A 40 11.25 -11.46 -5.35
N TRP A 41 11.58 -10.28 -4.81
CA TRP A 41 12.04 -9.16 -5.65
C TRP A 41 13.52 -9.30 -5.99
N ASP A 42 14.33 -9.83 -5.06
CA ASP A 42 15.67 -10.26 -5.42
C ASP A 42 15.58 -11.24 -6.59
N THR A 43 14.71 -12.23 -6.46
CA THR A 43 14.58 -13.24 -7.50
C THR A 43 14.15 -12.63 -8.83
N LEU A 44 13.10 -11.79 -8.80
CA LEU A 44 12.61 -11.21 -10.05
C LEU A 44 13.68 -10.39 -10.73
N THR A 45 14.30 -9.48 -9.98
CA THR A 45 15.23 -8.55 -10.62
C THR A 45 16.52 -9.23 -11.05
N HIS A 46 16.90 -10.32 -10.39
CA HIS A 46 18.10 -11.06 -10.78
C HIS A 46 17.85 -12.02 -11.92
N GLU A 47 16.71 -12.71 -11.90
CA GLU A 47 16.46 -13.74 -12.89
C GLU A 47 15.70 -13.22 -14.11
N HIS A 48 14.92 -12.17 -13.91
CA HIS A 48 14.06 -11.65 -14.98
C HIS A 48 14.22 -10.15 -15.17
N PRO A 49 15.46 -9.70 -15.47
CA PRO A 49 15.62 -8.27 -15.74
C PRO A 49 14.83 -7.75 -16.94
N ASP A 50 14.43 -8.66 -17.83
CA ASP A 50 13.56 -8.30 -18.93
C ASP A 50 12.17 -7.85 -18.48
N TYR A 51 11.81 -8.09 -17.22
CA TYR A 51 10.52 -7.63 -16.72
C TYR A 51 10.56 -6.19 -16.22
N VAL A 52 11.76 -5.62 -16.08
CA VAL A 52 11.96 -4.36 -15.37
C VAL A 52 12.59 -3.34 -16.31
N VAL A 53 12.09 -2.11 -16.27
CA VAL A 53 12.71 -1.04 -17.06
C VAL A 53 14.19 -0.94 -16.70
N ASP A 54 15.01 -0.89 -17.74
CA ASP A 54 16.47 -0.77 -17.60
C ASP A 54 17.12 -2.01 -17.00
N GLY A 55 16.38 -3.10 -16.77
CA GLY A 55 16.93 -4.21 -15.99
C GLY A 55 17.37 -3.79 -14.60
N ALA A 56 16.69 -2.79 -14.06
CA ALA A 56 17.04 -2.27 -12.75
C ALA A 56 16.82 -3.31 -11.65
N THR A 57 17.59 -3.15 -10.57
CA THR A 57 17.42 -3.97 -9.39
C THR A 57 17.36 -3.08 -8.16
N GLY A 58 16.85 -3.64 -7.06
CA GLY A 58 16.95 -3.02 -5.74
C GLY A 58 18.20 -3.42 -4.97
N ASP A 59 19.27 -3.86 -5.64
CA ASP A 59 20.44 -4.32 -4.92
C ASP A 59 21.03 -3.24 -4.02
N ILE A 60 20.99 -1.99 -4.50
CA ILE A 60 21.45 -0.84 -3.74
CA ILE A 60 21.45 -0.83 -3.75
C ILE A 60 20.31 0.14 -3.49
N ALA A 61 19.54 0.49 -4.53
CA ALA A 61 18.42 1.42 -4.36
C ALA A 61 18.93 2.72 -3.72
N ASP A 62 18.27 3.22 -2.68
CA ASP A 62 18.70 4.44 -1.98
C ASP A 62 19.76 4.15 -0.93
N ASP A 63 20.14 2.89 -0.79
CA ASP A 63 21.12 2.45 0.21
C ASP A 63 20.70 2.84 1.62
N SER A 64 19.40 2.84 1.89
CA SER A 64 18.91 3.21 3.22
C SER A 64 19.30 2.23 4.32
N TYR A 65 19.71 1.01 3.97
CA TYR A 65 20.29 0.15 4.99
C TYR A 65 21.51 0.81 5.63
N HIS A 66 22.35 1.46 4.82
CA HIS A 66 23.50 2.16 5.35
C HIS A 66 23.21 3.61 5.70
N LEU A 67 22.27 4.23 4.99
CA LEU A 67 22.06 5.67 5.04
C LEU A 67 20.81 6.08 5.82
N TYR A 68 20.31 5.22 6.68
CA TYR A 68 19.08 5.52 7.42
C TYR A 68 19.19 6.84 8.22
N LYS A 69 20.38 7.21 8.71
CA LYS A 69 20.48 8.47 9.42
C LYS A 69 20.25 9.66 8.51
N GLU A 70 20.63 9.54 7.25
CA GLU A 70 20.34 10.57 6.26
C GLU A 70 18.85 10.67 5.99
N ASP A 71 18.15 9.54 5.99
CA ASP A 71 16.70 9.56 5.83
C ASP A 71 16.06 10.32 6.98
N VAL A 72 16.52 10.05 8.20
CA VAL A 72 15.98 10.75 9.36
C VAL A 72 16.27 12.25 9.29
N LYS A 73 17.47 12.59 8.84
CA LYS A 73 17.84 14.00 8.65
C LYS A 73 16.87 14.73 7.71
N ILE A 74 16.55 14.14 6.57
CA ILE A 74 15.62 14.79 5.64
C ILE A 74 14.19 14.79 6.18
N LEU A 75 13.80 13.76 6.92
CA LEU A 75 12.49 13.79 7.58
C LEU A 75 12.40 14.93 8.58
N LYS A 76 13.49 15.16 9.32
CA LYS A 76 13.52 16.24 10.29
C LYS A 76 13.46 17.60 9.59
N GLU A 77 14.20 17.74 8.49
CA GLU A 77 14.14 18.96 7.68
C GLU A 77 12.73 19.22 7.15
N LEU A 78 12.08 18.16 6.67
CA LEU A 78 10.72 18.25 6.17
C LEU A 78 9.74 18.66 7.26
N GLY A 79 10.05 18.27 8.50
CA GLY A 79 9.15 18.47 9.62
C GLY A 79 8.12 17.37 9.75
N ALA A 80 8.42 16.19 9.22
CA ALA A 80 7.51 15.06 9.37
C ALA A 80 7.24 14.71 10.83
N GLN A 81 5.97 14.46 11.15
CA GLN A 81 5.57 13.96 12.46
C GLN A 81 5.63 12.45 12.53
N VAL A 82 5.49 11.81 11.38
CA VAL A 82 5.43 10.36 11.28
CA VAL A 82 5.38 10.34 11.23
C VAL A 82 6.21 9.95 10.02
N TYR A 83 6.93 8.84 10.15
CA TYR A 83 7.60 8.21 9.02
C TYR A 83 7.04 6.80 8.89
N ARG A 84 6.41 6.54 7.76
CA ARG A 84 5.92 5.21 7.44
C ARG A 84 6.97 4.50 6.61
N PHE A 85 7.42 3.35 7.13
CA PHE A 85 8.42 2.54 6.44
C PHE A 85 8.00 1.08 6.60
N SER A 86 8.61 0.20 5.82
CA SER A 86 8.31 -1.21 5.98
C SER A 86 9.53 -1.99 6.46
N ILE A 87 9.26 -3.16 7.02
CA ILE A 87 10.29 -4.07 7.45
C ILE A 87 10.43 -5.20 6.43
N SER A 88 11.67 -5.51 6.08
CA SER A 88 11.96 -6.60 5.16
C SER A 88 11.90 -7.92 5.89
N TRP A 89 10.91 -8.75 5.57
CA TRP A 89 10.73 -10.02 6.24
C TRP A 89 12.02 -10.83 6.22
N ALA A 90 12.66 -10.97 5.05
CA ALA A 90 13.84 -11.79 4.91
C ALA A 90 15.08 -11.19 5.56
N ARG A 91 15.07 -9.90 5.88
CA ARG A 91 16.16 -9.31 6.66
C ARG A 91 16.07 -9.73 8.12
N VAL A 92 14.86 -9.96 8.61
CA VAL A 92 14.61 -10.35 10.00
C VAL A 92 14.59 -11.86 10.18
N LEU A 93 13.87 -12.56 9.30
CA LEU A 93 13.75 -14.02 9.30
C LEU A 93 14.25 -14.52 7.95
N PRO A 94 15.56 -14.78 7.83
CA PRO A 94 16.12 -15.04 6.49
C PRO A 94 15.55 -16.26 5.81
N GLU A 95 15.05 -17.21 6.59
CA GLU A 95 14.45 -18.43 6.09
C GLU A 95 12.94 -18.34 5.98
N GLY A 96 12.38 -17.18 6.32
CA GLY A 96 10.93 -16.98 6.28
C GLY A 96 10.23 -17.46 7.53
N HIS A 97 10.44 -18.73 7.84
CA HIS A 97 10.02 -19.31 9.11
C HIS A 97 10.75 -18.64 10.27
N ASP A 98 10.21 -18.79 11.48
CA ASP A 98 10.76 -18.10 12.64
C ASP A 98 11.84 -18.85 13.40
N ASN A 99 12.43 -19.87 12.78
CA ASN A 99 13.49 -20.61 13.45
C ASN A 99 14.78 -19.82 13.62
N ILE A 100 15.08 -18.92 12.69
CA ILE A 100 16.28 -18.10 12.76
C ILE A 100 15.89 -16.63 12.69
N VAL A 101 16.30 -15.88 13.71
CA VAL A 101 16.12 -14.44 13.73
C VAL A 101 17.49 -13.81 13.50
N ASN A 102 17.56 -12.95 12.50
CA ASN A 102 18.81 -12.30 12.12
C ASN A 102 19.03 -11.07 12.99
N GLN A 103 19.95 -11.14 13.94
CA GLN A 103 20.23 -10.04 14.85
CA GLN A 103 20.17 -10.03 14.84
C GLN A 103 20.57 -8.76 14.11
N ASP A 104 21.26 -8.88 12.98
CA ASP A 104 21.60 -7.69 12.21
C ASP A 104 20.35 -6.94 11.76
N GLY A 105 19.34 -7.68 11.34
CA GLY A 105 18.07 -7.07 10.96
C GLY A 105 17.36 -6.42 12.14
N ILE A 106 17.33 -7.11 13.27
CA ILE A 106 16.77 -6.53 14.49
C ILE A 106 17.48 -5.21 14.83
N ASP A 107 18.81 -5.24 14.80
CA ASP A 107 19.60 -4.07 15.13
C ASP A 107 19.31 -2.92 14.17
N TYR A 108 19.20 -3.23 12.88
CA TYR A 108 18.95 -2.20 11.88
C TYR A 108 17.65 -1.47 12.14
N TYR A 109 16.56 -2.21 12.29
CA TYR A 109 15.29 -1.55 12.54
C TYR A 109 15.25 -0.85 13.90
N ASN A 110 15.88 -1.42 14.92
CA ASN A 110 15.99 -0.69 16.18
C ASN A 110 16.74 0.62 16.01
N ASN A 111 17.82 0.58 15.24
CA ASN A 111 18.60 1.78 14.99
C ASN A 111 17.78 2.86 14.32
N LEU A 112 17.00 2.46 13.31
CA LEU A 112 16.13 3.40 12.62
C LEU A 112 15.06 3.96 13.56
N ILE A 113 14.38 3.07 14.29
CA ILE A 113 13.34 3.49 15.19
C ILE A 113 13.89 4.46 16.24
N ASN A 114 15.04 4.10 16.81
CA ASN A 114 15.62 4.94 17.87
C ASN A 114 16.05 6.29 17.32
N GLU A 115 16.59 6.31 16.10
CA GLU A 115 16.99 7.55 15.45
C GLU A 115 15.79 8.44 15.18
N LEU A 116 14.69 7.87 14.71
CA LEU A 116 13.44 8.62 14.52
C LEU A 116 12.98 9.24 15.83
N LEU A 117 12.85 8.42 16.86
CA LEU A 117 12.34 8.91 18.14
C LEU A 117 13.22 10.01 18.75
N ALA A 118 14.52 9.88 18.58
CA ALA A 118 15.46 10.88 19.10
C ALA A 118 15.31 12.20 18.38
N ASN A 119 14.72 12.15 17.19
CA ASN A 119 14.49 13.33 16.36
C ASN A 119 13.03 13.77 16.38
N GLY A 120 12.24 13.18 17.29
CA GLY A 120 10.84 13.56 17.47
C GLY A 120 9.90 13.11 16.36
N ILE A 121 10.25 12.04 15.66
CA ILE A 121 9.45 11.51 14.55
C ILE A 121 8.90 10.15 14.96
N GLU A 122 7.60 9.97 14.79
CA GLU A 122 6.95 8.71 15.15
C GLU A 122 7.08 7.66 14.05
N PRO A 123 7.53 6.44 14.39
CA PRO A 123 7.54 5.37 13.38
C PRO A 123 6.16 4.76 13.15
N MET A 124 5.86 4.52 11.88
CA MET A 124 4.66 3.77 11.48
C MET A 124 5.17 2.62 10.60
N VAL A 125 4.92 1.38 11.02
CA VAL A 125 5.59 0.25 10.40
C VAL A 125 4.64 -0.64 9.63
N THR A 126 4.94 -0.80 8.34
CA THR A 126 4.29 -1.79 7.50
C THR A 126 5.03 -3.11 7.60
N MET A 127 4.34 -4.18 8.01
CA MET A 127 4.99 -5.47 8.16
C MET A 127 5.33 -6.09 6.80
N TYR A 128 4.37 -6.02 5.87
CA TYR A 128 4.54 -6.66 4.57
C TYR A 128 4.24 -5.68 3.44
N HIS A 129 5.33 -5.28 2.76
CA HIS A 129 5.25 -4.42 1.59
C HIS A 129 5.93 -5.11 0.40
N TRP A 130 5.50 -6.35 0.14
CA TRP A 130 5.64 -7.05 -1.15
C TRP A 130 6.86 -7.95 -1.28
N ASP A 131 7.72 -7.96 -0.26
CA ASP A 131 9.02 -8.60 -0.30
C ASP A 131 9.02 -9.95 0.44
N LEU A 132 8.21 -10.88 -0.04
CA LEU A 132 8.10 -12.20 0.57
C LEU A 132 9.42 -12.96 0.48
N PRO A 133 9.85 -13.62 1.57
CA PRO A 133 11.01 -14.49 1.48
C PRO A 133 10.83 -15.55 0.40
N GLN A 134 11.88 -15.79 -0.39
CA GLN A 134 11.78 -16.79 -1.44
C GLN A 134 11.47 -18.18 -0.91
N ALA A 135 11.95 -18.50 0.30
CA ALA A 135 11.67 -19.83 0.87
C ALA A 135 10.16 -20.06 1.06
N LEU A 136 9.40 -19.00 1.29
CA LEU A 136 7.95 -19.10 1.43
C LEU A 136 7.25 -19.10 0.07
N GLN A 137 7.77 -18.34 -0.88
CA GLN A 137 7.26 -18.43 -2.25
C GLN A 137 7.43 -19.85 -2.80
N ASP A 138 8.49 -20.53 -2.38
CA ASP A 138 8.73 -21.87 -2.88
C ASP A 138 7.70 -22.90 -2.42
N LEU A 139 6.92 -22.56 -1.40
CA LEU A 139 5.75 -23.36 -0.99
C LEU A 139 4.48 -23.01 -1.76
N GLY A 140 4.60 -22.03 -2.65
CA GLY A 140 3.49 -21.48 -3.40
C GLY A 140 3.23 -20.01 -3.10
N GLY A 141 3.78 -19.49 -2.01
CA GLY A 141 3.54 -18.11 -1.65
C GLY A 141 2.10 -17.89 -1.24
N TRP A 142 1.60 -16.69 -1.51
CA TRP A 142 0.33 -16.25 -0.96
C TRP A 142 -0.88 -17.16 -1.25
N PRO A 143 -0.96 -17.83 -2.42
CA PRO A 143 -2.06 -18.77 -2.62
C PRO A 143 -2.11 -19.91 -1.61
N ASN A 144 -1.00 -20.19 -0.92
CA ASN A 144 -0.94 -21.29 0.02
C ASN A 144 -1.26 -20.77 1.43
N LEU A 145 -2.40 -21.19 1.97
CA LEU A 145 -2.91 -20.70 3.24
C LEU A 145 -1.96 -20.95 4.42
N VAL A 146 -1.00 -21.86 4.28
CA VAL A 146 -0.01 -22.03 5.37
C VAL A 146 0.72 -20.73 5.70
N LEU A 147 0.78 -19.80 4.74
CA LEU A 147 1.44 -18.52 4.99
C LEU A 147 0.73 -17.68 6.05
N ALA A 148 -0.54 -17.92 6.35
CA ALA A 148 -1.18 -17.13 7.39
C ALA A 148 -0.52 -17.34 8.76
N LYS A 149 -0.24 -18.59 9.12
CA LYS A 149 0.47 -18.84 10.38
C LYS A 149 1.89 -18.32 10.31
N TYR A 150 2.55 -18.47 9.15
CA TYR A 150 3.90 -17.92 9.04
C TYR A 150 3.93 -16.41 9.27
N SER A 151 2.89 -15.75 8.76
CA SER A 151 2.76 -14.30 8.92
C SER A 151 2.52 -13.92 10.37
N GLU A 152 1.68 -14.69 11.07
CA GLU A 152 1.52 -14.49 12.50
C GLU A 152 2.88 -14.58 13.22
N ASN A 153 3.67 -15.58 12.88
CA ASN A 153 4.93 -15.77 13.58
C ASN A 153 5.92 -14.65 13.29
N TYR A 154 5.92 -14.16 12.05
CA TYR A 154 6.71 -12.99 11.71
C TYR A 154 6.28 -11.76 12.50
N ALA A 155 4.97 -11.52 12.55
CA ALA A 155 4.44 -10.40 13.32
C ALA A 155 4.83 -10.50 14.80
N ARG A 156 4.82 -11.70 15.38
CA ARG A 156 5.20 -11.83 16.78
C ARG A 156 6.63 -11.33 17.00
N VAL A 157 7.53 -11.70 16.11
CA VAL A 157 8.91 -11.22 16.22
C VAL A 157 8.94 -9.69 16.17
N LEU A 158 8.16 -9.11 15.27
CA LEU A 158 8.13 -7.65 15.16
C LEU A 158 7.57 -6.98 16.41
N PHE A 159 6.43 -7.47 16.90
CA PHE A 159 5.83 -6.88 18.08
C PHE A 159 6.76 -7.02 19.30
N LYS A 160 7.36 -8.20 19.47
CA LYS A 160 8.26 -8.45 20.59
C LYS A 160 9.46 -7.51 20.58
N ASN A 161 10.07 -7.34 19.41
CA ASN A 161 11.30 -6.57 19.33
C ASN A 161 11.10 -5.07 19.24
N PHE A 162 10.01 -4.63 18.62
CA PHE A 162 9.85 -3.23 18.28
C PHE A 162 8.64 -2.55 18.90
N GLY A 163 7.69 -3.33 19.40
CA GLY A 163 6.39 -2.79 19.82
C GLY A 163 6.41 -1.95 21.07
N ASP A 164 7.50 -1.98 21.82
CA ASP A 164 7.65 -1.07 22.95
C ASP A 164 7.80 0.38 22.47
N ARG A 165 8.24 0.58 21.23
CA ARG A 165 8.45 1.90 20.64
C ARG A 165 7.59 2.19 19.42
N VAL A 166 7.04 1.17 18.78
CA VAL A 166 6.19 1.38 17.62
C VAL A 166 4.75 1.21 18.07
N LYS A 167 3.92 2.22 17.80
CA LYS A 167 2.51 2.23 18.21
C LYS A 167 1.54 2.32 17.03
N LEU A 168 2.09 2.32 15.82
CA LEU A 168 1.29 2.34 14.59
C LEU A 168 1.81 1.27 13.66
N TRP A 169 0.95 0.29 13.36
CA TRP A 169 1.30 -0.85 12.53
C TRP A 169 0.32 -1.01 11.38
N LEU A 170 0.85 -1.43 10.23
CA LEU A 170 0.04 -1.90 9.12
CA LEU A 170 0.05 -1.90 9.10
C LEU A 170 0.47 -3.33 8.85
N THR A 171 -0.47 -4.26 8.82
CA THR A 171 -0.13 -5.64 8.54
C THR A 171 0.41 -5.77 7.11
N PHE A 172 -0.40 -5.34 6.16
CA PHE A 172 -0.16 -5.47 4.74
C PHE A 172 -0.28 -4.14 4.05
N ASN A 173 0.46 -4.02 2.95
CA ASN A 173 0.33 -2.89 2.04
C ASN A 173 -0.17 -3.36 0.66
N ALA A 174 -1.27 -2.74 0.23
CA ALA A 174 -1.76 -2.86 -1.14
C ALA A 174 -1.82 -4.30 -1.65
N PRO A 175 -2.53 -5.18 -0.93
CA PRO A 175 -2.69 -6.54 -1.45
C PRO A 175 -3.47 -6.59 -2.77
N LEU A 176 -4.32 -5.62 -3.07
CA LEU A 176 -4.93 -5.56 -4.39
C LEU A 176 -3.89 -5.55 -5.48
N THR A 177 -2.78 -4.86 -5.26
CA THR A 177 -1.67 -4.89 -6.22
C THR A 177 -0.86 -6.16 -6.10
N PHE A 178 -0.39 -6.53 -4.91
CA PHE A 178 0.54 -7.66 -4.85
C PHE A 178 -0.13 -8.99 -5.20
N MET A 179 -1.45 -9.11 -5.02
CA MET A 179 -2.12 -10.32 -5.47
C MET A 179 -1.95 -10.50 -6.98
N ASP A 180 -1.77 -9.40 -7.72
CA ASP A 180 -1.60 -9.48 -9.16
CA ASP A 180 -1.57 -9.42 -9.17
C ASP A 180 -0.26 -10.13 -9.54
N GLY A 181 0.64 -10.33 -8.59
CA GLY A 181 1.83 -11.12 -8.84
C GLY A 181 1.50 -12.58 -9.12
N TYR A 182 0.25 -12.98 -8.89
CA TYR A 182 -0.26 -14.31 -9.21
C TYR A 182 -1.22 -14.29 -10.41
N ALA A 183 -1.20 -13.18 -11.15
CA ALA A 183 -2.08 -13.02 -12.31
C ALA A 183 -1.37 -12.65 -13.60
N SER A 184 -0.05 -12.83 -13.68
CA SER A 184 0.70 -12.54 -14.90
C SER A 184 2.07 -13.20 -14.84
N GLU A 185 2.51 -13.80 -15.95
CA GLU A 185 3.85 -14.39 -16.01
C GLU A 185 4.97 -13.36 -16.08
N ILE A 186 4.66 -12.11 -16.44
CA ILE A 186 5.70 -11.09 -16.61
C ILE A 186 5.54 -9.90 -15.65
N GLY A 187 4.67 -10.03 -14.66
CA GLY A 187 4.32 -8.90 -13.84
C GLY A 187 5.00 -8.90 -12.48
N MET A 188 4.31 -8.27 -11.52
CA MET A 188 4.78 -8.16 -10.14
CA MET A 188 4.87 -8.15 -10.18
C MET A 188 5.27 -9.51 -9.64
N ALA A 189 6.30 -9.50 -8.80
CA ALA A 189 6.79 -10.73 -8.20
C ALA A 189 5.64 -11.43 -7.47
N PRO A 190 5.54 -12.76 -7.54
CA PRO A 190 6.48 -13.70 -8.13
C PRO A 190 6.23 -14.04 -9.60
N SER A 191 5.43 -13.23 -10.29
CA SER A 191 5.26 -13.33 -11.75
C SER A 191 4.72 -14.70 -12.17
N ILE A 192 3.61 -15.06 -11.54
CA ILE A 192 2.95 -16.30 -11.86
CA ILE A 192 2.90 -16.33 -11.72
C ILE A 192 1.61 -16.05 -12.51
N ASN A 193 1.37 -16.81 -13.57
CA ASN A 193 0.20 -16.61 -14.40
C ASN A 193 -1.00 -17.47 -13.99
N THR A 194 -1.66 -17.10 -12.90
CA THR A 194 -2.89 -17.76 -12.47
C THR A 194 -4.03 -16.75 -12.27
N PRO A 195 -4.29 -15.91 -13.27
CA PRO A 195 -5.35 -14.91 -13.11
C PRO A 195 -6.70 -15.55 -12.85
N GLY A 196 -7.48 -14.90 -12.00
CA GLY A 196 -8.82 -15.36 -11.67
C GLY A 196 -8.88 -16.57 -10.79
N ILE A 197 -7.74 -17.07 -10.33
CA ILE A 197 -7.66 -18.29 -9.54
C ILE A 197 -6.65 -18.09 -8.39
N GLY A 198 -5.37 -17.94 -8.76
CA GLY A 198 -4.33 -17.78 -7.76
C GLY A 198 -4.33 -16.44 -7.08
N ASP A 199 -4.69 -15.38 -7.80
CA ASP A 199 -4.80 -14.08 -7.16
C ASP A 199 -5.91 -14.09 -6.10
N TYR A 200 -7.06 -14.70 -6.36
CA TYR A 200 -8.07 -14.83 -5.32
C TYR A 200 -7.55 -15.64 -4.13
N LEU A 201 -6.85 -16.74 -4.39
CA LEU A 201 -6.30 -17.50 -3.26
C LEU A 201 -5.32 -16.66 -2.44
N ALA A 202 -4.49 -15.87 -3.13
CA ALA A 202 -3.58 -14.98 -2.42
C ALA A 202 -4.32 -14.00 -1.53
N ALA A 203 -5.38 -13.38 -2.04
CA ALA A 203 -6.17 -12.46 -1.22
C ALA A 203 -6.72 -13.16 0.01
N HIS A 204 -7.21 -14.38 -0.18
CA HIS A 204 -7.81 -15.14 0.90
C HIS A 204 -6.80 -15.35 2.03
N THR A 205 -5.59 -15.78 1.65
CA THR A 205 -4.54 -15.99 2.64
C THR A 205 -4.18 -14.69 3.34
N VAL A 206 -4.06 -13.61 2.58
CA VAL A 206 -3.71 -12.31 3.16
C VAL A 206 -4.74 -11.89 4.21
N ILE A 207 -6.03 -12.04 3.89
CA ILE A 207 -7.06 -11.67 4.83
C ILE A 207 -6.95 -12.51 6.10
N HIS A 208 -6.78 -13.82 5.95
CA HIS A 208 -6.58 -14.69 7.10
C HIS A 208 -5.36 -14.27 7.91
N ALA A 209 -4.25 -13.95 7.24
CA ALA A 209 -3.00 -13.55 7.88
C ALA A 209 -3.19 -12.26 8.67
N HIS A 210 -3.82 -11.27 8.04
CA HIS A 210 -4.13 -10.02 8.69
C HIS A 210 -4.90 -10.28 9.99
N ALA A 211 -5.93 -11.11 9.91
CA ALA A 211 -6.74 -11.37 11.09
C ALA A 211 -5.93 -12.06 12.18
N ARG A 212 -5.11 -13.03 11.82
CA ARG A 212 -4.25 -13.67 12.81
CA ARG A 212 -4.27 -13.66 12.82
C ARG A 212 -3.34 -12.65 13.49
N ILE A 213 -2.78 -11.73 12.72
CA ILE A 213 -1.87 -10.75 13.29
C ILE A 213 -2.59 -9.81 14.26
N TYR A 214 -3.80 -9.39 13.88
CA TYR A 214 -4.56 -8.51 14.77
C TYR A 214 -4.92 -9.23 16.07
N HIS A 215 -5.41 -10.46 15.98
CA HIS A 215 -5.73 -11.23 17.17
C HIS A 215 -4.48 -11.47 18.01
N LEU A 216 -3.35 -11.74 17.38
CA LEU A 216 -2.08 -11.86 18.09
C LEU A 216 -1.77 -10.63 18.91
N TYR A 217 -1.93 -9.46 18.30
CA TYR A 217 -1.69 -8.22 19.01
C TYR A 217 -2.61 -8.13 20.23
N ASP A 218 -3.90 -8.36 20.02
CA ASP A 218 -4.85 -8.37 21.14
C ASP A 218 -4.40 -9.31 22.26
N GLN A 219 -3.97 -10.52 21.91
CA GLN A 219 -3.71 -11.55 22.90
C GLN A 219 -2.38 -11.40 23.61
N GLU A 220 -1.34 -11.00 22.87
CA GLU A 220 0.03 -11.10 23.35
C GLU A 220 0.69 -9.74 23.62
N PHE A 221 0.15 -8.64 23.11
CA PHE A 221 0.88 -7.36 23.11
C PHE A 221 0.12 -6.08 23.45
N ARG A 222 -1.16 -6.01 23.15
CA ARG A 222 -1.86 -4.72 23.22
C ARG A 222 -1.88 -4.12 24.63
N ALA A 223 -2.17 -4.96 25.63
CA ALA A 223 -2.27 -4.45 26.99
C ALA A 223 -0.98 -3.73 27.42
N GLU A 224 0.16 -4.31 27.04
CA GLU A 224 1.44 -3.73 27.39
C GLU A 224 1.85 -2.56 26.49
N GLN A 225 1.57 -2.68 25.18
CA GLN A 225 2.13 -1.76 24.21
C GLN A 225 1.22 -0.60 23.82
N GLY A 226 -0.10 -0.82 23.84
CA GLY A 226 -1.07 0.26 23.65
C GLY A 226 -1.08 0.92 22.29
N GLY A 227 -0.67 0.19 21.25
CA GLY A 227 -0.65 0.71 19.89
C GLY A 227 -1.89 0.37 19.09
N LYS A 228 -1.83 0.64 17.79
CA LYS A 228 -2.94 0.42 16.88
C LYS A 228 -2.45 -0.35 15.67
N VAL A 229 -3.30 -1.27 15.22
CA VAL A 229 -3.02 -2.13 14.06
C VAL A 229 -4.08 -1.91 13.00
N GLY A 230 -3.62 -1.55 11.80
CA GLY A 230 -4.47 -1.41 10.63
C GLY A 230 -3.92 -2.20 9.46
N ILE A 231 -4.42 -1.86 8.26
CA ILE A 231 -4.01 -2.45 7.00
C ILE A 231 -4.09 -1.34 5.97
N SER A 232 -3.18 -1.32 5.00
CA SER A 232 -3.18 -0.30 3.95
C SER A 232 -3.73 -0.89 2.66
N LEU A 233 -4.87 -0.35 2.23
CA LEU A 233 -5.55 -0.78 1.02
C LEU A 233 -5.47 0.34 -0.02
N ASN A 234 -5.03 -0.03 -1.22
CA ASN A 234 -5.02 0.91 -2.34
C ASN A 234 -6.35 0.84 -3.08
N ILE A 235 -6.80 1.99 -3.58
CA ILE A 235 -8.06 2.06 -4.28
C ILE A 235 -8.07 3.30 -5.15
N ASN A 236 -8.49 3.13 -6.41
CA ASN A 236 -8.81 4.23 -7.32
C ASN A 236 -10.26 4.65 -7.19
N TRP A 237 -10.55 5.94 -7.33
CA TRP A 237 -11.94 6.33 -7.55
C TRP A 237 -12.38 5.82 -8.93
N CYS A 238 -13.64 5.44 -9.04
CA CYS A 238 -14.22 5.03 -10.32
C CYS A 238 -15.46 5.88 -10.57
N GLU A 239 -15.34 6.79 -11.52
CA GLU A 239 -16.39 7.75 -11.83
C GLU A 239 -17.27 7.21 -12.95
N PRO A 240 -18.59 7.30 -12.79
CA PRO A 240 -19.45 6.79 -13.86
C PRO A 240 -19.21 7.56 -15.16
N ALA A 241 -19.04 6.82 -16.26
CA ALA A 241 -18.74 7.46 -17.54
C ALA A 241 -19.88 8.37 -17.99
N THR A 242 -21.11 7.95 -17.70
CA THR A 242 -22.30 8.78 -17.84
C THR A 242 -23.09 8.69 -16.54
N ASN A 243 -24.11 9.53 -16.37
CA ASN A 243 -24.93 9.49 -15.15
C ASN A 243 -25.96 8.35 -15.04
N SER A 244 -25.87 7.35 -15.90
CA SER A 244 -26.91 6.34 -15.90
C SER A 244 -26.80 5.45 -14.67
N ALA A 245 -27.92 4.87 -14.28
CA ALA A 245 -27.93 3.90 -13.20
C ALA A 245 -27.01 2.72 -13.54
N GLU A 246 -26.98 2.31 -14.81
CA GLU A 246 -26.13 1.19 -15.23
C GLU A 246 -24.63 1.51 -15.03
N ASP A 247 -24.21 2.72 -15.39
CA ASP A 247 -22.82 3.08 -15.19
C ASP A 247 -22.51 3.23 -13.70
N ARG A 248 -23.46 3.75 -12.92
CA ARG A 248 -23.27 3.79 -11.48
C ARG A 248 -23.10 2.38 -10.91
N ALA A 249 -23.88 1.42 -11.39
CA ALA A 249 -23.74 0.04 -10.91
C ALA A 249 -22.34 -0.48 -11.19
N SER A 250 -21.78 -0.15 -12.34
CA SER A 250 -20.47 -0.63 -12.73
C SER A 250 -19.38 -0.07 -11.81
N CYS A 251 -19.57 1.16 -11.37
CA CYS A 251 -18.61 1.79 -10.47
C CYS A 251 -18.71 1.22 -9.05
N GLU A 252 -19.91 0.86 -8.61
CA GLU A 252 -20.07 0.15 -7.35
C GLU A 252 -19.39 -1.22 -7.45
N ASN A 253 -19.57 -1.91 -8.58
CA ASN A 253 -18.85 -3.16 -8.78
C ASN A 253 -17.35 -2.94 -8.62
N TYR A 254 -16.84 -1.88 -9.23
CA TYR A 254 -15.42 -1.59 -9.12
C TYR A 254 -15.00 -1.43 -7.66
N GLN A 255 -15.72 -0.61 -6.91
CA GLN A 255 -15.32 -0.42 -5.51
C GLN A 255 -15.33 -1.75 -4.76
N GLN A 256 -16.35 -2.57 -4.98
CA GLN A 256 -16.45 -3.83 -4.24
C GLN A 256 -15.37 -4.83 -4.65
N PHE A 257 -15.01 -4.86 -5.93
CA PHE A 257 -14.00 -5.79 -6.43
C PHE A 257 -12.57 -5.37 -6.15
N ASN A 258 -12.36 -4.12 -5.79
CA ASN A 258 -11.02 -3.59 -5.60
C ASN A 258 -10.76 -3.27 -4.13
N LEU A 259 -11.61 -2.46 -3.52
CA LEU A 259 -11.52 -2.15 -2.09
C LEU A 259 -12.30 -3.18 -1.25
N GLY A 260 -13.55 -3.45 -1.63
CA GLY A 260 -14.41 -4.33 -0.83
C GLY A 260 -13.89 -5.73 -0.66
N LEU A 261 -13.15 -6.23 -1.65
CA LEU A 261 -12.52 -7.54 -1.58
CA LEU A 261 -12.50 -7.54 -1.59
C LEU A 261 -11.81 -7.74 -0.23
N TYR A 262 -11.05 -6.71 0.18
CA TYR A 262 -10.34 -6.73 1.45
C TYR A 262 -11.11 -6.06 2.58
N ALA A 263 -11.80 -4.96 2.30
CA ALA A 263 -12.38 -4.18 3.38
C ALA A 263 -13.72 -4.73 3.86
N HIS A 264 -14.50 -5.40 3.00
CA HIS A 264 -15.78 -5.94 3.48
C HIS A 264 -15.55 -7.02 4.55
N PRO A 265 -14.58 -7.94 4.35
CA PRO A 265 -14.37 -8.93 5.41
C PRO A 265 -13.96 -8.33 6.76
N ILE A 266 -13.21 -7.24 6.72
CA ILE A 266 -12.57 -6.70 7.92
C ILE A 266 -13.38 -5.58 8.57
N PHE A 267 -13.86 -4.64 7.77
CA PHE A 267 -14.36 -3.34 8.26
C PHE A 267 -15.86 -3.23 8.36
N THR A 268 -16.62 -4.24 7.94
CA THR A 268 -18.08 -4.20 8.09
C THR A 268 -18.51 -5.04 9.30
N GLU A 269 -19.74 -4.80 9.76
CA GLU A 269 -20.31 -5.61 10.84
C GLU A 269 -20.61 -7.03 10.37
N GLU A 270 -20.97 -7.15 9.09
CA GLU A 270 -21.35 -8.44 8.52
C GLU A 270 -20.13 -9.32 8.24
N GLY A 271 -19.04 -8.70 7.80
CA GLY A 271 -17.90 -9.46 7.36
C GLY A 271 -18.17 -10.19 6.05
N ASP A 272 -17.28 -11.13 5.76
CA ASP A 272 -17.29 -11.90 4.50
C ASP A 272 -16.93 -10.98 3.32
N TYR A 273 -16.74 -11.62 2.16
CA TYR A 273 -16.60 -10.88 0.92
C TYR A 273 -17.90 -10.15 0.57
N PRO A 274 -17.82 -9.08 -0.23
CA PRO A 274 -19.05 -8.47 -0.73
C PRO A 274 -19.90 -9.46 -1.49
N ALA A 275 -21.22 -9.34 -1.36
CA ALA A 275 -22.11 -10.24 -2.09
C ALA A 275 -21.86 -10.21 -3.59
N VAL A 276 -21.64 -9.04 -4.17
CA VAL A 276 -21.47 -8.96 -5.62
C VAL A 276 -20.23 -9.74 -6.06
N LEU A 277 -19.20 -9.76 -5.24
CA LEU A 277 -17.99 -10.50 -5.57
CA LEU A 277 -17.99 -10.49 -5.56
C LEU A 277 -18.29 -11.99 -5.56
N LYS A 278 -18.90 -12.46 -4.48
CA LYS A 278 -19.25 -13.87 -4.38
C LYS A 278 -20.15 -14.28 -5.55
N ASP A 279 -21.18 -13.49 -5.80
CA ASP A 279 -22.20 -13.88 -6.77
C ASP A 279 -21.66 -13.84 -8.20
N ARG A 280 -20.93 -12.78 -8.56
CA ARG A 280 -20.46 -12.71 -9.95
C ARG A 280 -19.45 -13.81 -10.24
N VAL A 281 -18.55 -14.09 -9.30
CA VAL A 281 -17.57 -15.15 -9.52
C VAL A 281 -18.22 -16.52 -9.54
N SER A 282 -19.21 -16.76 -8.67
CA SER A 282 -19.94 -18.01 -8.65
CA SER A 282 -19.83 -18.06 -8.70
C SER A 282 -20.59 -18.26 -10.01
N ARG A 283 -21.29 -17.25 -10.51
CA ARG A 283 -21.99 -17.37 -11.79
C ARG A 283 -21.00 -17.60 -12.92
N ASN A 284 -19.93 -16.81 -12.97
CA ASN A 284 -18.99 -16.96 -14.07
C ASN A 284 -18.30 -18.32 -14.02
N SER A 285 -17.98 -18.80 -12.82
CA SER A 285 -17.35 -20.10 -12.68
C SER A 285 -18.27 -21.22 -13.17
N ALA A 286 -19.54 -21.16 -12.78
CA ALA A 286 -20.50 -22.15 -13.24
C ALA A 286 -20.65 -22.13 -14.77
N ASP A 287 -20.74 -20.94 -15.34
CA ASP A 287 -20.95 -20.81 -16.77
C ASP A 287 -19.75 -21.35 -17.56
N GLU A 288 -18.56 -21.30 -16.97
CA GLU A 288 -17.38 -21.83 -17.63
C GLU A 288 -17.11 -23.28 -17.33
N GLY A 289 -17.95 -23.92 -16.55
CA GLY A 289 -17.87 -25.36 -16.39
C GLY A 289 -17.11 -25.81 -15.16
N TYR A 290 -16.64 -24.92 -14.30
CA TYR A 290 -16.00 -25.34 -13.05
C TYR A 290 -17.03 -25.98 -12.13
N THR A 291 -16.66 -27.08 -11.48
CA THR A 291 -17.47 -27.62 -10.40
C THR A 291 -17.58 -26.65 -9.23
N ASP A 292 -16.47 -25.99 -8.91
CA ASP A 292 -16.36 -25.11 -7.76
C ASP A 292 -16.12 -23.68 -8.19
N SER A 293 -16.69 -22.74 -7.46
CA SER A 293 -16.39 -21.35 -7.71
C SER A 293 -14.89 -21.11 -7.60
N ARG A 294 -14.37 -20.24 -8.46
CA ARG A 294 -12.99 -19.78 -8.34
C ARG A 294 -12.74 -18.92 -7.11
N LEU A 295 -13.79 -18.39 -6.48
CA LEU A 295 -13.59 -17.57 -5.30
C LEU A 295 -13.59 -18.46 -4.06
N PRO A 296 -12.51 -18.42 -3.27
CA PRO A 296 -12.50 -19.21 -2.04
C PRO A 296 -13.58 -18.71 -1.07
N GLN A 297 -13.93 -19.58 -0.12
CA GLN A 297 -14.99 -19.29 0.83
C GLN A 297 -14.47 -19.20 2.26
N PHE A 298 -15.10 -18.31 3.03
CA PHE A 298 -14.90 -18.29 4.48
C PHE A 298 -16.04 -19.06 5.14
N THR A 299 -15.72 -19.85 6.16
CA THR A 299 -16.76 -20.43 7.01
C THR A 299 -17.35 -19.33 7.89
N ALA A 300 -18.49 -19.62 8.51
CA ALA A 300 -19.09 -18.65 9.41
C ALA A 300 -18.13 -18.30 10.56
N GLU A 301 -17.42 -19.29 11.08
CA GLU A 301 -16.48 -19.03 12.16
C GLU A 301 -15.36 -18.11 11.68
N GLU A 302 -14.88 -18.33 10.45
CA GLU A 302 -13.84 -17.47 9.90
C GLU A 302 -14.36 -16.06 9.68
N VAL A 303 -15.58 -15.93 9.19
CA VAL A 303 -16.17 -14.60 9.01
C VAL A 303 -16.16 -13.82 10.32
N GLU A 304 -16.56 -14.47 11.41
CA GLU A 304 -16.59 -13.83 12.72
C GLU A 304 -15.18 -13.49 13.22
N TYR A 305 -14.23 -14.38 12.97
CA TYR A 305 -12.83 -14.15 13.37
C TYR A 305 -12.23 -12.94 12.66
N ILE A 306 -12.52 -12.80 11.38
CA ILE A 306 -11.91 -11.76 10.57
C ILE A 306 -12.57 -10.40 10.76
N ARG A 307 -13.88 -10.36 10.88
CA ARG A 307 -14.53 -9.07 10.97
C ARG A 307 -14.16 -8.38 12.28
N GLY A 308 -13.91 -7.07 12.19
CA GLY A 308 -13.56 -6.30 13.37
C GLY A 308 -12.08 -6.21 13.66
N THR A 309 -11.23 -6.80 12.83
CA THR A 309 -9.80 -6.85 13.08
C THR A 309 -9.11 -5.56 12.60
N HIS A 310 -9.45 -4.44 13.23
CA HIS A 310 -8.90 -3.17 12.81
C HIS A 310 -8.99 -2.12 13.90
N ASP A 311 -7.96 -1.28 13.96
CA ASP A 311 -7.99 -0.06 14.75
C ASP A 311 -8.06 1.20 13.89
N PHE A 312 -7.81 1.07 12.60
CA PHE A 312 -7.93 2.14 11.61
C PHE A 312 -7.79 1.48 10.25
N LEU A 313 -8.15 2.26 9.23
CA LEU A 313 -8.02 1.88 7.83
C LEU A 313 -6.92 2.73 7.19
N GLY A 314 -5.90 2.09 6.62
CA GLY A 314 -4.92 2.79 5.81
C GLY A 314 -5.37 2.81 4.37
N ILE A 315 -5.21 3.96 3.70
CA ILE A 315 -5.56 4.09 2.28
C ILE A 315 -4.37 4.61 1.49
N ASN A 316 -4.11 3.95 0.37
CA ASN A 316 -3.20 4.44 -0.63
C ASN A 316 -4.06 4.93 -1.78
N PHE A 317 -4.03 6.24 -2.04
CA PHE A 317 -4.85 6.84 -3.08
C PHE A 317 -3.97 7.59 -4.06
N TYR A 318 -4.20 7.37 -5.35
CA TYR A 318 -3.44 8.04 -6.40
C TYR A 318 -4.26 8.66 -7.52
N THR A 319 -5.36 8.02 -7.94
CA THR A 319 -5.95 8.39 -9.21
C THR A 319 -7.40 7.90 -9.32
N ALA A 320 -7.98 8.16 -10.47
CA ALA A 320 -9.33 7.76 -10.80
C ALA A 320 -9.37 7.11 -12.18
N LEU A 321 -10.44 6.35 -12.38
CA LEU A 321 -10.83 5.78 -13.66
C LEU A 321 -12.27 6.18 -13.94
N LEU A 322 -12.66 6.07 -15.22
CA LEU A 322 -14.06 6.09 -15.62
C LEU A 322 -14.54 4.65 -15.73
N GLY A 323 -15.76 4.41 -15.27
CA GLY A 323 -16.37 3.10 -15.38
C GLY A 323 -17.70 3.16 -16.11
N LYS A 324 -17.90 2.20 -17.00
CA LYS A 324 -19.18 2.04 -17.67
C LYS A 324 -19.64 0.60 -17.59
N SER A 325 -20.94 0.44 -17.76
CA SER A 325 -21.56 -0.88 -17.73
C SER A 325 -21.02 -1.78 -18.82
N GLY A 326 -20.72 -3.02 -18.45
CA GLY A 326 -20.23 -4.00 -19.39
C GLY A 326 -19.19 -4.89 -18.74
N VAL A 327 -18.65 -5.79 -19.56
CA VAL A 327 -17.69 -6.78 -19.12
C VAL A 327 -16.59 -6.83 -20.16
N GLU A 328 -15.34 -6.78 -19.70
CA GLU A 328 -14.23 -7.05 -20.61
C GLU A 328 -13.06 -7.63 -19.83
N GLY A 329 -12.04 -8.06 -20.56
CA GLY A 329 -10.92 -8.75 -19.96
C GLY A 329 -10.93 -10.22 -20.30
N TYR A 330 -9.85 -10.90 -19.93
CA TYR A 330 -9.71 -12.31 -20.25
C TYR A 330 -10.45 -13.19 -19.25
N GLU A 331 -10.89 -14.35 -19.74
CA GLU A 331 -11.55 -15.35 -18.93
C GLU A 331 -10.52 -16.42 -18.57
N PRO A 332 -10.25 -16.65 -17.27
CA PRO A 332 -10.78 -15.97 -16.10
C PRO A 332 -9.87 -14.82 -15.67
N SER A 333 -10.46 -13.80 -15.06
CA SER A 333 -9.66 -12.73 -14.46
C SER A 333 -10.54 -11.95 -13.53
N ARG A 334 -9.91 -11.29 -12.56
CA ARG A 334 -10.68 -10.43 -11.67
CA ARG A 334 -10.63 -10.40 -11.62
C ARG A 334 -11.29 -9.24 -12.37
N TYR A 335 -10.58 -8.66 -13.34
CA TYR A 335 -11.16 -7.57 -14.10
C TYR A 335 -12.42 -8.02 -14.83
N ARG A 336 -12.36 -9.16 -15.52
CA ARG A 336 -13.56 -9.66 -16.19
C ARG A 336 -14.68 -9.94 -15.20
N ASP A 337 -14.36 -10.57 -14.08
CA ASP A 337 -15.36 -10.87 -13.07
C ASP A 337 -16.03 -9.60 -12.54
N SER A 338 -15.29 -8.49 -12.50
CA SER A 338 -15.79 -7.30 -11.85
C SER A 338 -16.92 -6.58 -12.59
N GLY A 339 -17.11 -6.84 -13.89
CA GLY A 339 -18.28 -6.26 -14.55
C GLY A 339 -18.26 -4.75 -14.64
N VAL A 340 -17.14 -4.21 -15.11
CA VAL A 340 -17.00 -2.80 -15.41
C VAL A 340 -16.01 -2.65 -16.54
N ILE A 341 -16.26 -1.69 -17.43
CA ILE A 341 -15.33 -1.34 -18.48
C ILE A 341 -14.65 -0.04 -18.06
N LEU A 342 -13.33 -0.09 -17.91
CA LEU A 342 -12.55 0.99 -17.33
C LEU A 342 -11.77 1.76 -18.39
N THR A 343 -11.81 3.09 -18.28
CA THR A 343 -11.04 3.94 -19.16
C THR A 343 -10.52 5.13 -18.33
N GLN A 344 -9.73 5.99 -18.97
CA GLN A 344 -9.41 7.26 -18.33
CA GLN A 344 -9.26 7.25 -18.42
C GLN A 344 -9.77 8.38 -19.32
N ASP A 345 -10.07 9.54 -18.75
CA ASP A 345 -10.43 10.71 -19.55
C ASP A 345 -9.17 11.37 -20.08
N ALA A 346 -9.14 11.61 -21.38
CA ALA A 346 -7.99 12.25 -22.05
C ALA A 346 -7.70 13.64 -21.50
N ALA A 347 -8.70 14.28 -20.92
CA ALA A 347 -8.52 15.64 -20.42
C ALA A 347 -7.76 15.70 -19.10
N TRP A 348 -7.68 14.58 -18.38
CA TRP A 348 -7.04 14.59 -17.07
C TRP A 348 -5.53 14.79 -17.24
N PRO A 349 -4.90 15.61 -16.38
CA PRO A 349 -3.46 15.75 -16.49
C PRO A 349 -2.75 14.42 -16.28
N ILE A 350 -1.63 14.26 -16.98
CA ILE A 350 -0.86 13.02 -16.96
C ILE A 350 0.28 13.09 -15.95
N SER A 351 0.91 11.94 -15.76
CA SER A 351 2.12 11.81 -14.95
C SER A 351 3.16 11.07 -15.78
N ALA A 352 4.19 10.55 -15.12
CA ALA A 352 5.16 9.65 -15.77
C ALA A 352 4.74 8.19 -15.66
N SER A 353 3.56 7.93 -15.09
CA SER A 353 3.05 6.56 -14.94
C SER A 353 1.76 6.43 -15.74
N SER A 354 1.70 5.44 -16.62
CA SER A 354 0.58 5.29 -17.53
C SER A 354 -0.78 5.20 -16.82
N TRP A 355 -0.75 4.62 -15.63
CA TRP A 355 -1.95 4.36 -14.86
C TRP A 355 -2.40 5.55 -14.02
N LEU A 356 -1.55 6.56 -13.86
CA LEU A 356 -1.77 7.62 -12.87
C LEU A 356 -2.08 8.93 -13.60
N LYS A 357 -3.35 9.34 -13.51
CA LYS A 357 -3.80 10.65 -13.97
C LYS A 357 -4.20 11.49 -12.77
N VAL A 358 -4.13 12.80 -12.92
CA VAL A 358 -4.39 13.71 -11.82
C VAL A 358 -5.87 14.04 -11.74
N VAL A 359 -6.55 13.52 -10.72
CA VAL A 359 -7.99 13.66 -10.58
C VAL A 359 -8.33 13.94 -9.11
N PRO A 360 -8.00 15.15 -8.62
CA PRO A 360 -7.98 15.34 -7.18
C PRO A 360 -9.35 15.18 -6.52
N TRP A 361 -10.41 15.61 -7.18
CA TRP A 361 -11.77 15.45 -6.67
C TRP A 361 -12.13 13.97 -6.47
N GLY A 362 -11.47 13.07 -7.18
CA GLY A 362 -11.67 11.64 -6.94
C GLY A 362 -11.29 11.22 -5.55
N PHE A 363 -10.33 11.91 -4.97
CA PHE A 363 -9.89 11.59 -3.61
C PHE A 363 -11.02 11.86 -2.63
N ARG A 364 -11.67 13.02 -2.76
CA ARG A 364 -12.79 13.35 -1.91
C ARG A 364 -13.95 12.36 -2.13
N LYS A 365 -14.23 12.01 -3.38
CA LYS A 365 -15.28 11.02 -3.64
C LYS A 365 -14.97 9.68 -2.98
N GLU A 366 -13.72 9.25 -3.08
CA GLU A 366 -13.35 7.97 -2.49
C GLU A 366 -13.51 7.99 -0.97
N LEU A 367 -13.06 9.07 -0.35
CA LEU A 367 -13.16 9.21 1.10
C LEU A 367 -14.62 9.16 1.55
N ASN A 368 -15.51 9.80 0.80
CA ASN A 368 -16.93 9.71 1.11
C ASN A 368 -17.49 8.30 0.91
N TRP A 369 -17.05 7.60 -0.13
CA TRP A 369 -17.51 6.24 -0.38
C TRP A 369 -17.14 5.35 0.82
N ILE A 370 -15.89 5.48 1.27
CA ILE A 370 -15.40 4.75 2.43
C ILE A 370 -16.18 5.10 3.69
N LYS A 371 -16.40 6.39 3.93
CA LYS A 371 -17.18 6.82 5.09
CA LYS A 371 -17.17 6.81 5.09
C LYS A 371 -18.54 6.12 5.13
N ASN A 372 -19.21 6.12 3.99
CA ASN A 372 -20.54 5.58 3.91
C ASN A 372 -20.59 4.06 3.99
N GLU A 373 -19.62 3.39 3.38
CA GLU A 373 -19.62 1.94 3.33
C GLU A 373 -19.22 1.32 4.66
N TYR A 374 -18.26 1.95 5.34
CA TYR A 374 -17.60 1.34 6.51
C TYR A 374 -17.89 2.10 7.81
N ASN A 375 -18.90 2.96 7.79
CA ASN A 375 -19.32 3.69 8.99
C ASN A 375 -18.21 4.58 9.56
N ASN A 376 -17.61 5.35 8.67
CA ASN A 376 -16.64 6.37 9.03
C ASN A 376 -15.51 5.87 9.93
N PRO A 377 -14.77 4.85 9.47
CA PRO A 377 -13.61 4.41 10.25
C PRO A 377 -12.56 5.51 10.29
N PRO A 378 -11.69 5.51 11.31
CA PRO A 378 -10.51 6.37 11.23
C PRO A 378 -9.67 5.96 10.02
N VAL A 379 -9.34 6.93 9.17
CA VAL A 379 -8.61 6.67 7.94
C VAL A 379 -7.28 7.38 7.99
N PHE A 380 -6.21 6.64 7.77
CA PHE A 380 -4.88 7.19 7.68
C PHE A 380 -4.47 7.06 6.21
N ILE A 381 -4.17 8.18 5.55
CA ILE A 381 -3.71 8.13 4.16
C ILE A 381 -2.25 7.71 4.20
N THR A 382 -1.99 6.46 3.88
CA THR A 382 -0.64 5.94 3.99
C THR A 382 0.21 6.19 2.74
N GLU A 383 -0.44 6.49 1.60
CA GLU A 383 0.26 6.92 0.40
C GLU A 383 -0.61 7.84 -0.42
N ASN A 384 0.03 8.85 -1.01
CA ASN A 384 -0.54 9.71 -2.04
C ASN A 384 0.66 10.41 -2.68
N GLY A 385 0.71 10.46 -4.01
CA GLY A 385 1.86 11.08 -4.67
C GLY A 385 1.79 10.97 -6.17
N PHE A 386 2.86 11.42 -6.81
CA PHE A 386 2.83 11.75 -8.23
C PHE A 386 4.19 11.44 -8.83
N SER A 387 4.20 10.95 -10.07
CA SER A 387 5.45 10.64 -10.74
C SER A 387 5.80 11.63 -11.85
N ASP A 388 7.09 11.84 -11.98
CA ASP A 388 7.66 12.51 -13.14
C ASP A 388 8.93 11.75 -13.53
N TYR A 389 9.63 12.21 -14.56
CA TYR A 389 10.82 11.53 -15.02
C TYR A 389 12.11 12.09 -14.44
N GLY A 390 11.99 13.14 -13.64
CA GLY A 390 13.16 13.80 -13.08
C GLY A 390 12.90 15.29 -12.90
N GLY A 391 13.85 15.97 -12.26
CA GLY A 391 13.79 17.41 -12.08
C GLY A 391 13.45 17.83 -10.66
N LEU A 392 14.05 18.95 -10.26
CA LEU A 392 13.82 19.53 -8.93
C LEU A 392 12.72 20.56 -8.91
N ASN A 393 12.43 21.18 -10.05
CA ASN A 393 11.37 22.17 -10.09
C ASN A 393 10.08 21.47 -10.47
N ASP A 394 9.58 20.67 -9.53
CA ASP A 394 8.55 19.69 -9.83
C ASP A 394 7.15 20.26 -9.63
N THR A 395 6.82 21.19 -10.51
CA THR A 395 5.55 21.92 -10.45
CA THR A 395 5.55 21.92 -10.39
C THR A 395 4.35 20.98 -10.47
N GLY A 396 4.41 19.94 -11.29
CA GLY A 396 3.32 18.97 -11.37
C GLY A 396 3.08 18.29 -10.03
N ARG A 397 4.17 17.91 -9.37
CA ARG A 397 4.07 17.28 -8.05
C ARG A 397 3.55 18.26 -7.00
N VAL A 398 4.03 19.49 -7.03
CA VAL A 398 3.53 20.49 -6.10
C VAL A 398 2.01 20.66 -6.24
N HIS A 399 1.53 20.81 -7.48
CA HIS A 399 0.10 20.93 -7.78
C HIS A 399 -0.65 19.70 -7.33
N TYR A 400 -0.09 18.53 -7.58
CA TYR A 400 -0.73 17.30 -7.17
C TYR A 400 -0.95 17.32 -5.65
N TYR A 401 0.09 17.62 -4.89
CA TYR A 401 -0.05 17.62 -3.45
C TYR A 401 -1.02 18.68 -2.94
N THR A 402 -0.88 19.90 -3.42
CA THR A 402 -1.72 20.96 -2.88
C THR A 402 -3.19 20.69 -3.20
N GLU A 403 -3.49 20.19 -4.40
CA GLU A 403 -4.87 19.86 -4.74
C GLU A 403 -5.39 18.67 -3.94
N HIS A 404 -4.61 17.60 -3.82
CA HIS A 404 -5.10 16.45 -3.06
C HIS A 404 -5.29 16.79 -1.59
N LEU A 405 -4.39 17.57 -1.01
CA LEU A 405 -4.56 17.96 0.38
C LEU A 405 -5.77 18.85 0.56
N LYS A 406 -6.02 19.76 -0.37
CA LYS A 406 -7.25 20.56 -0.31
C LYS A 406 -8.50 19.68 -0.35
N GLU A 407 -8.51 18.69 -1.22
CA GLU A 407 -9.66 17.80 -1.33
C GLU A 407 -9.86 16.98 -0.08
N MET A 408 -8.77 16.49 0.49
CA MET A 408 -8.85 15.75 1.74
C MET A 408 -9.38 16.64 2.88
N LEU A 409 -8.92 17.89 2.93
CA LEU A 409 -9.39 18.81 3.96
C LEU A 409 -10.87 19.12 3.79
N LYS A 410 -11.37 19.19 2.56
CA LYS A 410 -12.82 19.29 2.37
C LYS A 410 -13.54 18.05 2.88
N ALA A 411 -12.98 16.88 2.61
CA ALA A 411 -13.58 15.65 3.12
C ALA A 411 -13.67 15.68 4.64
N ILE A 412 -12.62 16.16 5.29
CA ILE A 412 -12.62 16.26 6.76
C ILE A 412 -13.63 17.30 7.24
N HIS A 413 -13.48 18.52 6.77
CA HIS A 413 -14.20 19.65 7.36
C HIS A 413 -15.62 19.79 6.84
N GLU A 414 -15.80 19.59 5.55
CA GLU A 414 -17.13 19.71 4.95
C GLU A 414 -17.95 18.43 5.02
N ASP A 415 -17.28 17.28 4.92
CA ASP A 415 -17.99 16.02 4.77
C ASP A 415 -17.94 15.15 6.02
N GLY A 416 -17.17 15.55 7.03
CA GLY A 416 -17.12 14.78 8.27
C GLY A 416 -16.38 13.46 8.21
N VAL A 417 -15.48 13.30 7.24
CA VAL A 417 -14.71 12.06 7.15
C VAL A 417 -13.59 12.07 8.20
N ASN A 418 -13.48 10.99 8.96
CA ASN A 418 -12.49 10.92 10.04
C ASN A 418 -11.09 10.52 9.53
N VAL A 419 -10.48 11.41 8.76
CA VAL A 419 -9.10 11.22 8.34
C VAL A 419 -8.18 11.68 9.47
N ILE A 420 -7.25 10.82 9.87
CA ILE A 420 -6.40 11.03 11.03
C ILE A 420 -4.94 11.29 10.73
N GLY A 421 -4.50 11.03 9.50
CA GLY A 421 -3.10 11.27 9.15
C GLY A 421 -2.87 11.10 7.66
N TYR A 422 -1.68 11.48 7.22
CA TYR A 422 -1.32 11.48 5.81
C TYR A 422 0.20 11.41 5.69
N THR A 423 0.68 10.38 4.99
CA THR A 423 2.09 10.28 4.64
C THR A 423 2.23 10.30 3.12
N ALA A 424 2.96 11.29 2.62
CA ALA A 424 3.26 11.42 1.20
C ALA A 424 4.08 10.24 0.70
N TRP A 425 3.71 9.70 -0.47
CA TRP A 425 4.54 8.75 -1.19
C TRP A 425 5.29 9.51 -2.27
N SER A 426 6.62 9.63 -2.22
CA SER A 426 7.52 9.02 -1.25
C SER A 426 8.50 10.07 -0.73
N LEU A 427 9.08 9.79 0.43
CA LEU A 427 10.15 10.62 0.95
C LEU A 427 11.20 10.89 -0.12
N MET A 428 11.57 9.86 -0.88
CA MET A 428 12.62 10.03 -1.89
CA MET A 428 12.57 10.08 -1.91
C MET A 428 12.37 9.16 -3.10
N ASP A 429 12.94 9.57 -4.23
CA ASP A 429 12.93 8.72 -5.42
C ASP A 429 13.49 7.36 -5.04
N ASN A 430 12.90 6.31 -5.58
CA ASN A 430 13.26 4.97 -5.14
C ASN A 430 13.03 3.97 -6.27
N PHE A 431 13.20 2.68 -5.98
CA PHE A 431 12.96 1.64 -6.98
C PHE A 431 11.45 1.43 -7.15
N GLU A 432 10.90 1.90 -8.26
CA GLU A 432 9.47 1.81 -8.54
C GLU A 432 9.14 0.50 -9.25
N TRP A 433 9.48 -0.60 -8.56
CA TRP A 433 9.04 -1.91 -8.99
C TRP A 433 9.42 -2.19 -10.46
N LEU A 434 8.46 -2.63 -11.28
CA LEU A 434 8.78 -2.97 -12.66
C LEU A 434 9.22 -1.78 -13.49
N ARG A 435 9.01 -0.57 -12.98
CA ARG A 435 9.45 0.64 -13.65
C ARG A 435 10.88 1.03 -13.28
N GLY A 436 11.52 0.25 -12.41
CA GLY A 436 12.89 0.57 -12.03
C GLY A 436 12.99 1.98 -11.47
N TYR A 437 14.06 2.66 -11.85
CA TYR A 437 14.32 4.02 -11.39
C TYR A 437 13.80 5.04 -12.40
N SER A 438 13.01 4.60 -13.37
CA SER A 438 12.59 5.50 -14.46
C SER A 438 11.46 6.45 -14.07
N GLU A 439 10.64 6.05 -13.10
CA GLU A 439 9.55 6.86 -12.61
C GLU A 439 9.93 7.35 -11.22
N LYS A 440 9.83 8.65 -11.05
CA LYS A 440 10.28 9.30 -9.83
C LYS A 440 9.04 9.73 -9.05
N PHE A 441 8.90 9.22 -7.82
CA PHE A 441 7.82 9.61 -6.92
C PHE A 441 8.30 10.44 -5.72
N GLY A 442 9.59 10.70 -5.60
CA GLY A 442 10.07 11.36 -4.39
C GLY A 442 9.76 12.84 -4.30
N ILE A 443 9.69 13.31 -3.07
CA ILE A 443 9.79 14.74 -2.80
C ILE A 443 11.24 15.19 -2.60
N TYR A 444 12.12 14.23 -2.30
CA TYR A 444 13.59 14.37 -2.43
C TYR A 444 14.08 13.58 -3.64
N ALA A 445 14.97 14.21 -4.41
CA ALA A 445 15.65 13.54 -5.51
C ALA A 445 16.84 12.75 -5.00
N VAL A 446 17.12 11.64 -5.66
CA VAL A 446 18.31 10.83 -5.36
C VAL A 446 19.06 10.54 -6.63
N ASP A 447 20.37 10.76 -6.62
CA ASP A 447 21.22 10.49 -7.76
C ASP A 447 21.68 9.03 -7.70
N PHE A 448 21.06 8.18 -8.52
CA PHE A 448 21.37 6.75 -8.50
C PHE A 448 22.67 6.40 -9.22
N GLU A 449 23.33 7.41 -9.77
CA GLU A 449 24.65 7.23 -10.39
C GLU A 449 25.77 7.61 -9.41
N ASP A 450 25.41 8.13 -8.26
CA ASP A 450 26.35 8.60 -7.25
C ASP A 450 26.33 7.57 -6.12
N PRO A 451 27.47 6.90 -5.85
CA PRO A 451 27.47 5.85 -4.82
C PRO A 451 27.02 6.31 -3.43
N ALA A 452 27.14 7.61 -3.16
CA ALA A 452 26.73 8.18 -1.88
C ALA A 452 25.22 8.43 -1.80
N ARG A 453 24.53 8.30 -2.92
CA ARG A 453 23.07 8.44 -2.97
C ARG A 453 22.58 9.69 -2.22
N PRO A 454 23.10 10.88 -2.56
CA PRO A 454 22.63 12.06 -1.86
C PRO A 454 21.14 12.31 -2.09
N ARG A 455 20.44 12.74 -1.05
CA ARG A 455 19.04 13.15 -1.13
C ARG A 455 18.98 14.66 -1.16
N ILE A 456 18.31 15.23 -2.16
CA ILE A 456 18.22 16.69 -2.26
C ILE A 456 16.77 17.12 -2.44
N PRO A 457 16.36 18.20 -1.75
CA PRO A 457 14.94 18.55 -1.79
C PRO A 457 14.49 19.09 -3.14
N LYS A 458 13.34 18.61 -3.60
CA LYS A 458 12.64 19.22 -4.73
C LYS A 458 11.76 20.35 -4.21
N GLU A 459 11.20 21.14 -5.13
CA GLU A 459 10.21 22.14 -4.73
C GLU A 459 9.07 21.54 -3.91
N SER A 460 8.62 20.34 -4.26
CA SER A 460 7.55 19.71 -3.50
C SER A 460 7.95 19.48 -2.04
N ALA A 461 9.20 19.12 -1.77
CA ALA A 461 9.63 18.96 -0.38
C ALA A 461 9.56 20.28 0.37
N LYS A 462 9.89 21.37 -0.31
CA LYS A 462 9.85 22.70 0.29
C LYS A 462 8.41 23.12 0.59
N VAL A 463 7.51 22.88 -0.35
CA VAL A 463 6.11 23.21 -0.16
C VAL A 463 5.48 22.33 0.93
N LEU A 464 5.79 21.04 0.93
CA LEU A 464 5.28 20.18 1.98
C LEU A 464 5.82 20.59 3.34
N ALA A 465 7.09 20.99 3.41
CA ALA A 465 7.62 21.46 4.69
C ALA A 465 6.85 22.70 5.17
N GLU A 466 6.51 23.59 4.24
CA GLU A 466 5.75 24.79 4.56
C GLU A 466 4.37 24.41 5.09
N ILE A 467 3.72 23.45 4.44
CA ILE A 467 2.42 22.96 4.89
C ILE A 467 2.52 22.32 6.27
N MET A 468 3.55 21.51 6.49
CA MET A 468 3.72 20.85 7.77
C MET A 468 4.04 21.84 8.90
N ASN A 469 4.80 22.88 8.57
CA ASN A 469 5.17 23.87 9.56
C ASN A 469 3.98 24.76 9.94
N THR A 470 3.26 25.24 8.93
CA THR A 470 2.16 26.18 9.14
C THR A 470 0.84 25.48 9.48
N ARG A 471 0.75 24.17 9.18
CA ARG A 471 -0.45 23.37 9.41
C ARG A 471 -1.64 23.86 8.60
N LYS A 472 -1.35 24.49 7.47
CA LYS A 472 -2.42 24.89 6.57
C LYS A 472 -1.95 24.88 5.12
N ILE A 473 -2.90 25.00 4.20
CA ILE A 473 -2.59 25.19 2.80
C ILE A 473 -2.26 26.66 2.58
N PRO A 474 -1.05 26.98 2.09
CA PRO A 474 -0.71 28.39 1.86
C PRO A 474 -1.68 29.08 0.91
N GLU A 475 -1.90 30.36 1.17
CA GLU A 475 -2.85 31.16 0.43
C GLU A 475 -2.67 31.04 -1.09
N ARG A 476 -1.43 31.01 -1.55
CA ARG A 476 -1.19 31.03 -2.99
C ARG A 476 -1.68 29.76 -3.70
N PHE A 477 -2.00 28.72 -2.94
CA PHE A 477 -2.51 27.48 -3.53
C PHE A 477 -4.00 27.32 -3.34
N ARG A 478 -4.65 28.28 -2.68
CA ARG A 478 -6.09 28.17 -2.45
C ARG A 478 -6.86 28.54 -3.69
N ASP A 479 -8.10 28.04 -3.78
CA ASP A 479 -8.97 28.33 -4.92
C ASP A 479 -9.18 29.83 -5.10
C2 BGC B . 2.77 1.11 -3.38
C3 BGC B . 4.16 1.74 -3.53
C4 BGC B . 4.32 2.26 -4.95
C5 BGC B . 3.27 3.35 -5.15
C6 BGC B . 3.32 3.96 -6.54
C1 BGC B . 1.73 2.10 -3.83
O1 BGC B . 0.42 1.80 -3.66
O2 BGC B . 2.48 0.78 -2.04
O3 BGC B . 5.09 0.72 -3.23
O4 BGC B . 5.65 2.72 -5.12
O5 BGC B . 1.95 2.87 -4.95
O6 BGC B . 3.12 2.97 -7.53
C1 GOL C . -18.07 -16.60 -17.86
O1 GOL C . -18.44 -17.38 -18.97
C2 GOL C . -17.70 -15.19 -18.28
O2 GOL C . -16.45 -15.19 -18.94
C3 GOL C . -18.77 -14.62 -19.20
O3 GOL C . -18.51 -13.25 -19.40
NA NA D . 13.04 -12.57 18.60
CL CL E . 1.57 34.44 -1.02
CL CL F . -24.96 11.77 -18.65
#